data_3UTL
#
_entry.id   3UTL
#
_cell.length_a   50.890
_cell.length_b   75.270
_cell.length_c   87.100
_cell.angle_alpha   90.00
_cell.angle_beta   90.00
_cell.angle_gamma   90.00
#
_symmetry.space_group_name_H-M   'P 21 21 21'
#
loop_
_entity.id
_entity.type
_entity.pdbx_description
1 polymer 'Pepsin A'
2 water water
#
_entity_poly.entity_id   1
_entity_poly.type   'polypeptide(L)'
_entity_poly.pdbx_seq_one_letter_code
;VDEQPLENYLDMEYFGTIGIGTPAQDFTVVFDTGSSNLWVPSVYCSSLACTNHNRFNPEDSSTYQSTSETVSITYGTGSM
TGILGYDTVQVGGISDTNQIFGLSETEPGSFLYYAPFDGILGLAYPSISSSGATPVFDNIWNQGLVSQDLFSVYLSADDQ
SGSVVIFGGIDSSYYTGSLNWVPVTVEGYWQITVDSITMNGEAIACAEGCQAIVDTGTSLLTGPTSPIANIQSDIGASEN
SDGDMVVSCSAISSLPDIVFTINGVQYPVPPSAYILQSEGSCISGFQGMNLPTESGELWILGDVFIRQYFTVFDRANNQV
GLAPVA
;
_entity_poly.pdbx_strand_id   A
#
# COMPACT_ATOMS: atom_id res chain seq x y z
N VAL A 1 -18.97 -8.20 2.58
CA VAL A 1 -18.75 -9.58 1.99
C VAL A 1 -17.75 -10.32 2.92
N ASP A 2 -16.54 -10.51 2.39
CA ASP A 2 -15.39 -10.95 3.14
C ASP A 2 -14.48 -9.78 3.50
N GLU A 3 -14.66 -9.26 4.71
CA GLU A 3 -13.94 -8.10 5.19
C GLU A 3 -12.67 -8.44 5.99
N GLN A 4 -11.58 -7.77 5.70
CA GLN A 4 -10.43 -7.85 6.54
C GLN A 4 -10.22 -6.48 7.22
N PRO A 5 -10.53 -6.38 8.53
CA PRO A 5 -10.20 -5.11 9.21
C PRO A 5 -8.69 -4.84 9.29
N LEU A 6 -8.31 -3.59 9.08
CA LEU A 6 -6.93 -3.17 9.27
C LEU A 6 -6.83 -2.27 10.46
N GLU A 7 -5.66 -2.25 11.05
CA GLU A 7 -5.34 -1.26 12.05
C GLU A 7 -4.65 -0.06 11.40
N ASN A 8 -5.10 1.12 11.82
CA ASN A 8 -4.49 2.39 11.48
C ASN A 8 -3.41 2.73 12.53
N TYR A 9 -2.15 2.65 12.12
CA TYR A 9 -1.03 2.99 12.96
C TYR A 9 -0.52 4.39 12.60
N LEU A 10 -0.89 5.36 13.43
CA LEU A 10 -0.54 6.79 13.29
C LEU A 10 -0.75 7.43 11.89
N ASP A 11 -1.68 6.91 11.08
CA ASP A 11 -1.93 7.38 9.70
C ASP A 11 -0.74 7.10 8.77
N MET A 12 0.16 6.23 9.19
CA MET A 12 1.38 6.01 8.46
C MET A 12 1.51 4.54 7.94
N GLU A 13 1.05 3.59 8.75
CA GLU A 13 1.07 2.18 8.39
C GLU A 13 -0.33 1.64 8.62
N TYR A 14 -0.79 0.82 7.68
CA TYR A 14 -2.00 0.04 7.87
C TYR A 14 -1.74 -1.45 7.74
N PHE A 15 -2.04 -2.19 8.79
CA PHE A 15 -1.78 -3.64 8.81
C PHE A 15 -2.95 -4.40 9.42
N GLY A 16 -3.03 -5.71 9.20
CA GLY A 16 -4.06 -6.55 9.76
C GLY A 16 -3.48 -7.92 10.11
N THR A 17 -4.26 -8.72 10.83
CA THR A 17 -3.81 -10.00 11.33
C THR A 17 -4.30 -11.06 10.40
N ILE A 18 -3.42 -11.93 9.94
CA ILE A 18 -3.78 -13.11 9.17
C ILE A 18 -3.32 -14.36 9.95
N GLY A 19 -3.86 -15.50 9.55
CA GLY A 19 -3.45 -16.77 10.14
C GLY A 19 -2.65 -17.60 9.14
N ILE A 20 -1.67 -18.36 9.61
CA ILE A 20 -0.98 -19.31 8.72
C ILE A 20 -0.84 -20.64 9.42
N GLY A 21 -1.19 -21.71 8.72
CA GLY A 21 -1.01 -22.99 9.34
C GLY A 21 -2.28 -23.49 9.97
N THR A 22 -2.20 -24.76 10.39
CA THR A 22 -3.27 -25.48 11.10
C THR A 22 -2.71 -26.05 12.40
N PRO A 23 -3.19 -25.58 13.57
CA PRO A 23 -4.05 -24.40 13.77
C PRO A 23 -3.32 -23.11 13.34
N ALA A 24 -4.02 -21.99 13.22
CA ALA A 24 -3.38 -20.83 12.68
C ALA A 24 -2.45 -20.22 13.69
N GLN A 25 -1.24 -19.96 13.25
CA GLN A 25 -0.28 -19.04 13.86
C GLN A 25 -0.62 -17.66 13.27
N ASP A 26 -0.62 -16.60 14.09
CA ASP A 26 -1.08 -15.28 13.68
C ASP A 26 0.06 -14.27 13.40
N PHE A 27 -0.09 -13.49 12.34
CA PHE A 27 0.90 -12.46 12.05
C PHE A 27 0.17 -11.20 11.71
N THR A 28 0.82 -10.06 11.91
CA THR A 28 0.31 -8.85 11.36
C THR A 28 1.18 -8.61 10.12
N VAL A 29 0.55 -8.24 9.02
CA VAL A 29 1.21 -7.91 7.78
C VAL A 29 0.65 -6.58 7.28
N VAL A 30 1.49 -5.79 6.57
CA VAL A 30 1.05 -4.64 5.76
C VAL A 30 0.27 -5.17 4.53
N PHE A 31 -0.98 -4.75 4.34
CA PHE A 31 -1.67 -4.96 3.02
C PHE A 31 -1.12 -4.00 1.95
N ASP A 32 -0.26 -4.52 1.08
CA ASP A 32 0.58 -3.67 0.28
C ASP A 32 0.20 -3.76 -1.16
N THR A 33 -0.57 -2.79 -1.66
CA THR A 33 -0.86 -2.77 -3.08
C THR A 33 0.35 -2.42 -3.95
N GLY A 34 1.54 -2.27 -3.36
CA GLY A 34 2.72 -1.92 -4.14
C GLY A 34 3.69 -3.06 -4.27
N SER A 35 3.27 -4.25 -3.84
CA SER A 35 4.13 -5.45 -4.02
C SER A 35 3.25 -6.64 -4.15
N SER A 36 3.81 -7.82 -4.42
CA SER A 36 3.01 -9.01 -4.70
C SER A 36 3.29 -10.23 -3.87
N ASN A 37 4.36 -10.26 -3.08
CA ASN A 37 4.63 -11.44 -2.31
C ASN A 37 3.95 -11.41 -0.95
N LEU A 38 3.61 -12.58 -0.43
CA LEU A 38 3.37 -12.75 1.00
C LEU A 38 4.65 -13.33 1.63
N TRP A 39 5.06 -12.77 2.75
CA TRP A 39 6.09 -13.43 3.56
C TRP A 39 5.89 -13.03 4.99
N VAL A 40 6.38 -13.84 5.92
CA VAL A 40 6.42 -13.52 7.32
C VAL A 40 7.77 -14.04 7.85
N PRO A 41 8.20 -13.59 9.06
CA PRO A 41 9.48 -14.15 9.61
C PRO A 41 9.30 -15.62 10.06
N SER A 42 10.38 -16.42 10.13
CA SER A 42 10.26 -17.82 10.56
C SER A 42 11.22 -18.13 11.67
N VAL A 43 11.07 -19.30 12.31
CA VAL A 43 12.07 -19.78 13.26
C VAL A 43 13.50 -19.86 12.70
N TYR A 44 13.67 -19.85 11.38
CA TYR A 44 15.02 -19.91 10.77
C TYR A 44 15.75 -18.57 10.83
N CYS A 45 15.05 -17.54 11.29
CA CYS A 45 15.59 -16.18 11.24
C CYS A 45 16.13 -15.70 12.57
N SER A 46 17.39 -15.24 12.56
CA SER A 46 18.03 -14.67 13.74
C SER A 46 18.39 -13.19 13.58
N SER A 47 18.08 -12.56 12.45
CA SER A 47 18.34 -11.13 12.32
C SER A 47 17.66 -10.33 13.47
N LEU A 48 18.14 -9.07 13.65
CA LEU A 48 17.58 -8.12 14.56
C LEU A 48 16.06 -8.09 14.49
N ALA A 49 15.50 -7.82 13.30
CA ALA A 49 14.04 -7.67 13.16
C ALA A 49 13.30 -8.96 13.56
N CYS A 50 14.00 -10.08 13.49
CA CYS A 50 13.38 -11.37 13.86
C CYS A 50 13.35 -11.60 15.33
N THR A 51 14.05 -10.79 16.10
CA THR A 51 14.02 -10.95 17.53
C THR A 51 12.72 -10.42 18.20
N ASN A 52 11.98 -9.53 17.54
CA ASN A 52 10.82 -8.91 18.17
C ASN A 52 9.55 -8.93 17.28
N HIS A 53 9.47 -9.89 16.36
CA HIS A 53 8.24 -10.11 15.62
C HIS A 53 7.86 -11.54 15.74
N ASN A 54 6.60 -11.88 15.48
CA ASN A 54 6.14 -13.28 15.44
C ASN A 54 6.87 -14.05 14.35
N ARG A 55 7.28 -15.28 14.69
CA ARG A 55 8.06 -16.15 13.81
C ARG A 55 7.29 -17.43 13.54
N PHE A 56 6.95 -17.66 12.27
CA PHE A 56 6.28 -18.90 11.83
C PHE A 56 7.11 -20.15 12.14
N ASN A 57 6.47 -21.13 12.75
CA ASN A 57 7.16 -22.38 12.95
C ASN A 57 6.52 -23.51 12.12
N PRO A 58 7.15 -23.91 11.01
CA PRO A 58 6.63 -24.96 10.12
C PRO A 58 6.24 -26.22 10.87
N GLU A 59 7.01 -26.61 11.87
CA GLU A 59 6.71 -27.82 12.65
C GLU A 59 5.42 -27.89 13.40
N ASP A 60 4.76 -26.77 13.65
CA ASP A 60 3.52 -26.75 14.42
C ASP A 60 2.31 -26.71 13.52
N SER A 61 2.54 -26.82 12.20
CA SER A 61 1.44 -26.77 11.24
C SER A 61 1.30 -28.12 10.56
N SER A 62 0.15 -28.75 10.73
CA SER A 62 -0.04 -30.05 10.10
C SER A 62 -0.32 -29.98 8.58
N THR A 63 -0.51 -28.77 8.04
CA THR A 63 -0.80 -28.58 6.62
C THR A 63 0.40 -28.00 5.86
N TYR A 64 1.47 -27.66 6.56
CA TYR A 64 2.66 -27.08 5.92
C TYR A 64 3.34 -28.01 4.93
N GLN A 65 3.58 -27.55 3.73
CA GLN A 65 4.35 -28.32 2.73
C GLN A 65 5.60 -27.49 2.31
N SER A 66 6.80 -28.06 2.45
CA SER A 66 8.04 -27.37 2.01
C SER A 66 8.37 -27.46 0.54
N THR A 67 9.25 -26.55 0.11
CA THR A 67 9.77 -26.52 -1.23
C THR A 67 11.29 -26.31 -1.14
N SER A 68 11.97 -26.30 -2.26
CA SER A 68 13.42 -26.11 -2.27
C SER A 68 13.72 -24.82 -3.06
N GLU A 69 12.73 -23.95 -3.09
CA GLU A 69 12.75 -22.74 -3.85
C GLU A 69 13.17 -21.56 -2.89
N THR A 70 13.91 -20.58 -3.39
CA THR A 70 14.27 -19.46 -2.52
C THR A 70 13.66 -18.19 -3.05
N VAL A 71 13.59 -17.19 -2.18
CA VAL A 71 13.05 -15.89 -2.54
C VAL A 71 13.92 -14.78 -1.92
N SER A 72 14.12 -13.72 -2.67
CA SER A 72 14.72 -12.48 -2.20
C SER A 72 13.70 -11.42 -2.48
N ILE A 73 13.43 -10.56 -1.51
CA ILE A 73 12.69 -9.35 -1.81
C ILE A 73 13.45 -8.11 -1.28
N THR A 74 13.66 -7.15 -2.19
CA THR A 74 14.23 -5.84 -1.84
C THR A 74 13.07 -4.87 -1.81
N TYR A 75 13.00 -4.06 -0.75
CA TYR A 75 11.93 -3.08 -0.60
C TYR A 75 12.40 -1.59 -0.69
N GLY A 76 11.42 -0.69 -0.52
CA GLY A 76 11.68 0.71 -0.25
C GLY A 76 12.85 0.76 0.71
N THR A 77 12.70 0.24 1.92
CA THR A 77 13.80 0.39 2.87
C THR A 77 14.40 -0.94 3.36
N GLY A 78 13.53 -1.92 3.61
CA GLY A 78 13.96 -3.25 4.07
C GLY A 78 14.22 -4.27 2.97
N SER A 79 14.70 -5.44 3.36
CA SER A 79 14.89 -6.58 2.44
C SER A 79 14.80 -7.90 3.22
N MET A 80 14.36 -8.96 2.54
CA MET A 80 14.46 -10.26 3.14
C MET A 80 15.01 -11.30 2.19
N THR A 81 15.41 -12.40 2.76
CA THR A 81 15.94 -13.54 2.07
C THR A 81 15.30 -14.71 2.77
N GLY A 82 14.81 -15.67 2.02
CA GLY A 82 14.23 -16.82 2.66
C GLY A 82 13.86 -17.89 1.69
N ILE A 83 13.07 -18.82 2.20
CA ILE A 83 12.59 -19.99 1.45
C ILE A 83 11.11 -19.87 1.27
N LEU A 84 10.58 -20.61 0.30
CA LEU A 84 9.15 -20.62 -0.03
C LEU A 84 8.51 -21.89 0.50
N GLY A 85 7.35 -21.74 1.11
CA GLY A 85 6.54 -22.88 1.61
C GLY A 85 5.07 -22.73 1.19
N TYR A 86 4.32 -23.82 1.32
CA TYR A 86 2.88 -23.82 1.14
C TYR A 86 2.20 -24.06 2.49
N ASP A 87 1.14 -23.31 2.79
CA ASP A 87 0.28 -23.68 3.90
C ASP A 87 -1.08 -23.04 3.67
N THR A 88 -2.03 -23.21 4.59
CA THR A 88 -3.31 -22.53 4.50
C THR A 88 -3.22 -21.15 5.18
N VAL A 89 -3.75 -20.13 4.52
CA VAL A 89 -3.71 -18.77 5.00
C VAL A 89 -5.16 -18.32 5.22
N GLN A 90 -5.42 -17.84 6.44
CA GLN A 90 -6.68 -17.22 6.78
C GLN A 90 -6.55 -15.73 6.52
N VAL A 91 -7.26 -15.23 5.53
CA VAL A 91 -7.27 -13.83 5.25
C VAL A 91 -8.71 -13.41 4.94
N GLY A 92 -9.15 -12.37 5.64
CA GLY A 92 -10.47 -11.82 5.48
C GLY A 92 -11.62 -12.78 5.62
N GLY A 93 -11.49 -13.73 6.55
CA GLY A 93 -12.52 -14.76 6.75
C GLY A 93 -12.41 -15.96 5.82
N ILE A 94 -11.48 -15.93 4.86
CA ILE A 94 -11.39 -16.95 3.84
C ILE A 94 -10.26 -17.92 4.19
N SER A 95 -10.53 -19.20 4.03
CA SER A 95 -9.48 -20.20 4.00
C SER A 95 -8.78 -20.29 2.64
N ASP A 96 -7.65 -19.59 2.51
CA ASP A 96 -6.91 -19.59 1.27
C ASP A 96 -5.96 -20.78 1.29
N THR A 97 -6.44 -21.93 0.84
CA THR A 97 -5.65 -23.16 0.83
C THR A 97 -4.54 -23.16 -0.25
N ASN A 98 -3.56 -24.03 -0.05
CA ASN A 98 -2.37 -24.12 -0.91
C ASN A 98 -1.73 -22.80 -1.27
N GLN A 99 -1.45 -21.94 -0.27
CA GLN A 99 -0.85 -20.63 -0.54
C GLN A 99 0.67 -20.70 -0.41
N ILE A 100 1.36 -20.51 -1.53
CA ILE A 100 2.79 -20.23 -1.43
C ILE A 100 3.08 -18.86 -0.73
N PHE A 101 4.05 -18.88 0.18
CA PHE A 101 4.46 -17.70 0.93
C PHE A 101 5.93 -17.82 1.32
N GLY A 102 6.55 -16.64 1.56
CA GLY A 102 7.95 -16.52 1.99
C GLY A 102 8.10 -16.73 3.47
N LEU A 103 9.08 -17.54 3.85
CA LEU A 103 9.54 -17.63 5.24
C LEU A 103 10.95 -16.98 5.27
N SER A 104 11.18 -15.99 6.12
CA SER A 104 12.48 -15.37 6.11
C SER A 104 13.53 -16.18 6.84
N GLU A 105 14.73 -16.15 6.31
CA GLU A 105 15.94 -16.52 7.05
C GLU A 105 16.72 -15.29 7.50
N THR A 106 16.80 -14.25 6.67
CA THR A 106 17.50 -13.04 7.07
C THR A 106 16.62 -11.87 6.78
N GLU A 107 16.64 -10.90 7.69
CA GLU A 107 16.01 -9.61 7.42
C GLU A 107 17.05 -8.57 7.81
N PRO A 108 18.03 -8.30 6.92
CA PRO A 108 19.20 -7.47 7.21
C PRO A 108 18.88 -6.06 7.74
N GLY A 109 19.83 -5.49 8.46
CA GLY A 109 19.73 -4.08 8.85
C GLY A 109 18.86 -3.89 10.07
N SER A 110 17.91 -2.95 9.99
CA SER A 110 17.24 -2.47 11.19
C SER A 110 15.91 -1.75 10.98
N PHE A 111 15.65 -1.28 9.74
CA PHE A 111 14.33 -0.68 9.42
C PHE A 111 13.17 -1.59 9.93
N LEU A 112 13.22 -2.89 9.59
CA LEU A 112 12.17 -3.81 9.96
C LEU A 112 12.14 -4.05 11.47
N TYR A 113 13.22 -3.80 12.18
CA TYR A 113 13.19 -3.90 13.65
C TYR A 113 12.16 -2.94 14.32
N TYR A 114 12.11 -1.73 13.79
CA TYR A 114 11.21 -0.70 14.30
C TYR A 114 9.77 -0.84 13.77
N ALA A 115 9.56 -1.44 12.59
CA ALA A 115 8.20 -1.58 12.01
C ALA A 115 7.23 -2.27 12.98
N PRO A 116 5.97 -1.78 13.02
CA PRO A 116 5.00 -2.46 13.94
C PRO A 116 4.38 -3.76 13.40
N PHE A 117 4.53 -4.08 12.11
CA PHE A 117 4.01 -5.33 11.51
C PHE A 117 5.10 -6.42 11.36
N ASP A 118 4.70 -7.69 11.23
CA ASP A 118 5.69 -8.78 11.10
C ASP A 118 6.20 -8.98 9.68
N GLY A 119 5.29 -8.82 8.73
CA GLY A 119 5.57 -9.12 7.36
C GLY A 119 4.63 -8.38 6.46
N ILE A 120 4.55 -8.85 5.22
CA ILE A 120 3.94 -8.09 4.15
C ILE A 120 3.13 -9.04 3.31
N LEU A 121 1.96 -8.58 2.85
CA LEU A 121 1.02 -9.32 2.01
C LEU A 121 0.72 -8.41 0.80
N GLY A 122 1.31 -8.73 -0.35
CA GLY A 122 1.22 -7.88 -1.51
C GLY A 122 -0.06 -8.13 -2.26
N LEU A 123 -0.62 -7.05 -2.80
CA LEU A 123 -1.86 -7.13 -3.59
C LEU A 123 -1.71 -6.69 -5.04
N ALA A 124 -0.48 -6.55 -5.54
CA ALA A 124 -0.24 -6.20 -6.95
C ALA A 124 -0.19 -7.45 -7.87
N TYR A 125 0.22 -7.26 -9.12
CA TYR A 125 0.10 -8.28 -10.16
C TYR A 125 1.16 -9.37 -10.02
N PRO A 126 0.91 -10.60 -10.55
CA PRO A 126 1.92 -11.67 -10.39
C PRO A 126 3.22 -11.37 -11.12
N SER A 127 3.21 -10.52 -12.13
CA SER A 127 4.46 -10.26 -12.83
C SER A 127 5.54 -9.53 -12.01
N ILE A 128 5.22 -8.94 -10.85
CA ILE A 128 6.31 -8.31 -10.08
C ILE A 128 6.58 -9.10 -8.81
N SER A 129 6.04 -10.31 -8.76
CA SER A 129 6.25 -11.23 -7.66
C SER A 129 7.66 -11.76 -7.71
N SER A 130 8.42 -11.72 -6.62
CA SER A 130 9.74 -12.40 -6.63
C SER A 130 9.57 -13.92 -6.69
N SER A 131 10.43 -14.55 -7.50
CA SER A 131 10.46 -16.00 -7.79
C SER A 131 9.12 -16.42 -8.33
N GLY A 132 8.43 -15.50 -9.03
CA GLY A 132 7.09 -15.71 -9.57
C GLY A 132 6.10 -16.35 -8.58
N ALA A 133 6.21 -16.07 -7.28
CA ALA A 133 5.31 -16.74 -6.33
C ALA A 133 3.88 -16.23 -6.53
N THR A 134 2.90 -17.12 -6.74
CA THR A 134 1.48 -16.75 -6.74
C THR A 134 1.08 -15.83 -5.57
N PRO A 135 0.62 -14.61 -5.89
CA PRO A 135 0.09 -13.65 -4.90
C PRO A 135 -1.18 -14.18 -4.26
N VAL A 136 -1.48 -13.71 -3.05
CA VAL A 136 -2.64 -14.16 -2.28
C VAL A 136 -3.95 -13.98 -3.04
N PHE A 137 -4.18 -12.78 -3.57
CA PHE A 137 -5.46 -12.58 -4.20
C PHE A 137 -5.61 -13.47 -5.44
N ASP A 138 -4.50 -13.76 -6.13
CA ASP A 138 -4.56 -14.64 -7.31
C ASP A 138 -4.96 -16.04 -6.87
N ASN A 139 -4.35 -16.52 -5.79
CA ASN A 139 -4.68 -17.83 -5.30
C ASN A 139 -6.16 -18.00 -4.88
N ILE A 140 -6.75 -16.94 -4.34
CA ILE A 140 -8.11 -16.96 -3.84
C ILE A 140 -9.04 -16.99 -5.05
N TRP A 141 -8.70 -16.22 -6.08
CA TRP A 141 -9.48 -16.23 -7.30
C TRP A 141 -9.39 -17.57 -8.02
N ASN A 142 -8.19 -18.05 -8.33
CA ASN A 142 -8.10 -19.35 -8.97
C ASN A 142 -8.84 -20.46 -8.23
N GLN A 143 -9.00 -20.41 -6.92
CA GLN A 143 -9.74 -21.47 -6.28
C GLN A 143 -11.27 -21.17 -6.16
N GLY A 144 -11.74 -20.12 -6.84
CA GLY A 144 -13.13 -19.67 -6.79
C GLY A 144 -13.67 -19.40 -5.40
N LEU A 145 -12.90 -18.73 -4.54
CA LEU A 145 -13.30 -18.50 -3.16
C LEU A 145 -13.93 -17.14 -2.99
N VAL A 146 -13.86 -16.30 -4.01
CA VAL A 146 -14.61 -15.03 -4.04
C VAL A 146 -15.44 -15.01 -5.31
N SER A 147 -16.52 -14.26 -5.31
CA SER A 147 -17.40 -14.34 -6.49
C SER A 147 -17.02 -13.33 -7.55
N GLN A 148 -16.32 -12.27 -7.14
CA GLN A 148 -15.88 -11.18 -8.05
C GLN A 148 -14.37 -11.03 -7.96
N ASP A 149 -13.77 -10.76 -9.10
CA ASP A 149 -12.33 -10.72 -9.20
C ASP A 149 -11.80 -9.28 -8.95
N LEU A 150 -12.15 -8.74 -7.79
CA LEU A 150 -11.73 -7.43 -7.38
C LEU A 150 -11.70 -7.36 -5.85
N PHE A 151 -11.02 -6.36 -5.31
CA PHE A 151 -11.11 -6.05 -3.90
C PHE A 151 -11.12 -4.50 -3.69
N SER A 152 -11.53 -4.08 -2.50
CA SER A 152 -11.73 -2.66 -2.17
C SER A 152 -10.98 -2.35 -0.94
N VAL A 153 -10.59 -1.08 -0.84
CA VAL A 153 -9.83 -0.58 0.30
C VAL A 153 -10.47 0.71 0.81
N TYR A 154 -10.83 0.71 2.09
CA TYR A 154 -11.18 1.93 2.80
C TYR A 154 -10.13 2.16 3.87
N LEU A 155 -9.43 3.28 3.79
CA LEU A 155 -8.43 3.67 4.81
C LEU A 155 -9.01 4.78 5.65
N SER A 156 -9.05 4.59 6.96
CA SER A 156 -9.54 5.60 7.87
C SER A 156 -8.50 6.68 8.21
N ALA A 157 -8.99 7.79 8.77
CA ALA A 157 -8.15 8.95 9.10
C ALA A 157 -8.03 9.14 10.62
N ASP A 158 -7.02 9.91 11.07
CA ASP A 158 -6.91 10.37 12.48
C ASP A 158 -6.91 9.23 13.50
N ASP A 159 -6.08 8.21 13.25
CA ASP A 159 -5.95 7.03 14.13
C ASP A 159 -7.21 6.18 14.35
N GLN A 160 -8.29 6.42 13.62
CA GLN A 160 -9.52 5.71 13.87
C GLN A 160 -9.55 4.27 13.37
N SER A 161 -10.49 3.51 13.93
CA SER A 161 -10.86 2.14 13.53
C SER A 161 -11.76 2.25 12.31
N GLY A 162 -11.95 1.14 11.64
CA GLY A 162 -12.83 1.18 10.50
C GLY A 162 -12.14 0.86 9.19
N SER A 163 -10.81 0.99 9.11
CA SER A 163 -10.11 0.66 7.85
C SER A 163 -10.41 -0.78 7.49
N VAL A 164 -10.59 -1.05 6.20
CA VAL A 164 -10.99 -2.36 5.79
C VAL A 164 -10.52 -2.71 4.36
N VAL A 165 -10.17 -3.98 4.13
CA VAL A 165 -10.04 -4.52 2.79
C VAL A 165 -11.19 -5.50 2.59
N ILE A 166 -11.94 -5.27 1.52
CA ILE A 166 -13.07 -6.08 1.13
C ILE A 166 -12.68 -6.91 -0.10
N PHE A 167 -12.57 -8.22 0.08
CA PHE A 167 -12.22 -9.14 -0.99
C PHE A 167 -13.47 -9.54 -1.71
N GLY A 168 -13.44 -9.47 -3.03
CA GLY A 168 -14.50 -10.00 -3.85
C GLY A 168 -15.72 -9.11 -3.86
N GLY A 169 -15.63 -7.86 -3.42
CA GLY A 169 -16.82 -7.04 -3.44
C GLY A 169 -16.58 -5.57 -3.25
N ILE A 170 -17.65 -4.80 -3.41
CA ILE A 170 -17.64 -3.38 -3.14
C ILE A 170 -18.73 -3.14 -2.12
N ASP A 171 -18.50 -2.34 -1.09
CA ASP A 171 -19.59 -1.87 -0.25
C ASP A 171 -19.85 -0.34 -0.44
N SER A 172 -21.04 0.02 -0.92
CA SER A 172 -21.42 1.44 -1.13
C SER A 172 -21.42 2.42 0.02
N SER A 173 -21.55 1.93 1.23
CA SER A 173 -21.66 2.84 2.35
C SER A 173 -20.34 3.56 2.67
N TYR A 174 -19.23 3.05 2.14
CA TYR A 174 -17.95 3.71 2.32
C TYR A 174 -17.64 4.89 1.38
N TYR A 175 -18.51 5.16 0.41
CA TYR A 175 -18.25 6.28 -0.48
C TYR A 175 -19.53 7.03 -0.87
N THR A 176 -19.34 8.23 -1.40
CA THR A 176 -20.38 9.20 -1.73
C THR A 176 -20.38 9.34 -3.22
N GLY A 177 -21.54 9.25 -3.85
CA GLY A 177 -21.61 9.40 -5.31
C GLY A 177 -21.46 8.08 -6.04
N SER A 178 -20.87 8.13 -7.23
CA SER A 178 -20.59 6.91 -8.04
C SER A 178 -19.11 6.73 -8.42
N LEU A 179 -18.72 5.49 -8.71
CA LEU A 179 -17.33 5.17 -9.05
C LEU A 179 -16.99 5.64 -10.45
N ASN A 180 -15.78 6.21 -10.60
CA ASN A 180 -15.16 6.35 -11.92
C ASN A 180 -13.98 5.42 -12.06
N TRP A 181 -13.70 5.04 -13.30
CA TRP A 181 -12.81 3.94 -13.61
C TRP A 181 -11.63 4.41 -14.39
N VAL A 182 -10.45 3.97 -13.98
CA VAL A 182 -9.20 4.34 -14.63
C VAL A 182 -8.54 3.05 -15.11
N PRO A 183 -8.24 2.97 -16.40
CA PRO A 183 -7.57 1.77 -16.90
C PRO A 183 -6.14 1.69 -16.36
N VAL A 184 -5.70 0.51 -15.99
CA VAL A 184 -4.28 0.28 -15.67
C VAL A 184 -3.40 0.29 -16.94
N THR A 185 -2.35 1.09 -16.97
CA THR A 185 -1.50 1.23 -18.15
C THR A 185 -0.51 0.06 -18.19
N VAL A 186 0.36 -0.10 -17.20
CA VAL A 186 1.29 -1.22 -17.19
C VAL A 186 0.99 -2.15 -16.01
N GLU A 187 0.69 -3.40 -16.32
CA GLU A 187 0.32 -4.36 -15.28
C GLU A 187 1.51 -4.86 -14.47
N GLY A 188 1.64 -4.42 -13.24
CA GLY A 188 2.73 -4.86 -12.38
C GLY A 188 2.29 -4.31 -11.06
N TYR A 189 2.59 -3.03 -10.88
CA TYR A 189 1.96 -2.21 -9.86
C TYR A 189 0.59 -1.89 -10.41
N TRP A 190 -0.25 -1.32 -9.54
CA TRP A 190 -1.48 -0.71 -9.96
C TRP A 190 -1.16 0.65 -10.53
N GLN A 191 -0.77 0.66 -11.79
CA GLN A 191 -0.20 1.82 -12.47
C GLN A 191 -1.22 2.54 -13.35
N ILE A 192 -1.33 3.85 -13.19
CA ILE A 192 -2.35 4.59 -13.92
C ILE A 192 -1.74 5.88 -14.49
N THR A 193 -2.35 6.50 -15.48
CA THR A 193 -1.92 7.83 -15.95
C THR A 193 -2.55 9.01 -15.18
N VAL A 194 -1.74 9.94 -14.68
CA VAL A 194 -2.27 11.20 -14.16
C VAL A 194 -2.15 12.22 -15.32
N ASP A 195 -3.22 12.91 -15.66
CA ASP A 195 -3.18 13.85 -16.79
C ASP A 195 -2.51 15.12 -16.40
N SER A 196 -2.73 15.56 -15.15
CA SER A 196 -2.01 16.70 -14.64
C SER A 196 -2.30 16.91 -13.18
N ILE A 197 -1.47 17.75 -12.55
CA ILE A 197 -1.61 18.18 -11.18
C ILE A 197 -1.74 19.70 -11.14
N THR A 198 -2.86 20.23 -10.65
CA THR A 198 -3.05 21.66 -10.68
C THR A 198 -3.33 22.18 -9.27
N MET A 199 -3.10 23.48 -9.09
CA MET A 199 -3.46 24.22 -7.88
C MET A 199 -3.98 25.57 -8.41
N ASN A 200 -5.14 26.05 -7.93
CA ASN A 200 -5.81 27.27 -8.49
C ASN A 200 -5.84 27.28 -10.02
N GLY A 201 -6.18 26.17 -10.65
CA GLY A 201 -6.33 26.16 -12.08
C GLY A 201 -5.03 26.11 -12.86
N GLU A 202 -3.88 26.27 -12.19
CA GLU A 202 -2.58 26.15 -12.87
C GLU A 202 -1.89 24.79 -12.65
N ALA A 203 -1.20 24.33 -13.71
CA ALA A 203 -0.50 23.06 -13.69
C ALA A 203 0.85 23.25 -13.03
N ILE A 204 0.92 22.90 -11.77
CA ILE A 204 2.17 23.06 -11.07
C ILE A 204 3.14 21.90 -11.33
N ALA A 205 2.61 20.77 -11.77
CA ALA A 205 3.43 19.56 -12.07
C ALA A 205 2.70 18.62 -13.01
N CYS A 206 3.50 17.71 -13.58
CA CYS A 206 3.03 16.64 -14.41
C CYS A 206 2.08 17.28 -15.45
N ALA A 207 2.57 18.38 -16.04
CA ALA A 207 1.73 19.28 -16.83
C ALA A 207 1.24 18.59 -18.07
N GLU A 208 2.00 17.59 -18.52
CA GLU A 208 1.63 16.79 -19.68
C GLU A 208 1.62 15.27 -19.44
N GLY A 209 1.06 14.88 -18.29
CA GLY A 209 0.91 13.47 -17.98
C GLY A 209 2.13 12.88 -17.33
N CYS A 210 1.85 11.94 -16.44
CA CYS A 210 2.86 11.18 -15.79
C CYS A 210 2.21 9.90 -15.30
N GLN A 211 3.04 8.98 -14.85
CA GLN A 211 2.62 7.66 -14.43
C GLN A 211 2.61 7.65 -12.92
N ALA A 212 1.59 7.04 -12.33
CA ALA A 212 1.56 6.86 -10.89
C ALA A 212 1.09 5.49 -10.47
N ILE A 213 1.47 5.06 -9.29
CA ILE A 213 0.98 3.77 -8.77
C ILE A 213 0.11 4.00 -7.57
N VAL A 214 -0.97 3.27 -7.47
CA VAL A 214 -1.82 3.44 -6.33
C VAL A 214 -1.27 2.44 -5.33
N ASP A 215 -0.74 2.95 -4.22
CA ASP A 215 0.05 2.12 -3.30
C ASP A 215 -0.36 2.26 -1.83
N THR A 216 -1.14 1.30 -1.33
CA THR A 216 -1.50 1.36 0.09
C THR A 216 -0.30 1.27 1.00
N GLY A 217 0.79 0.68 0.52
CA GLY A 217 1.95 0.55 1.35
C GLY A 217 2.91 1.72 1.48
N THR A 218 2.72 2.85 0.78
CA THR A 218 3.53 4.07 0.96
C THR A 218 2.66 5.12 1.69
N SER A 219 3.26 5.84 2.65
CA SER A 219 2.46 6.71 3.49
C SER A 219 2.06 8.02 2.88
N LEU A 220 2.97 8.61 2.08
CA LEU A 220 2.85 9.99 1.63
C LEU A 220 2.66 10.05 0.14
N LEU A 221 2.28 11.21 -0.40
CA LEU A 221 2.31 11.42 -1.84
C LEU A 221 3.76 11.56 -2.29
N THR A 222 4.18 10.75 -3.22
CA THR A 222 5.57 10.71 -3.58
C THR A 222 5.77 11.03 -5.06
N GLY A 223 6.76 11.85 -5.35
CA GLY A 223 7.05 12.12 -6.74
C GLY A 223 8.54 12.30 -6.92
N PRO A 224 8.99 12.37 -8.19
CA PRO A 224 10.35 12.75 -8.59
C PRO A 224 10.73 14.04 -7.90
N THR A 225 11.99 14.13 -7.48
CA THR A 225 12.39 15.23 -6.59
C THR A 225 12.16 16.64 -7.14
N SER A 226 12.26 16.85 -8.44
CA SER A 226 12.20 18.22 -8.94
C SER A 226 10.80 18.75 -8.91
N PRO A 227 9.83 18.01 -9.50
CA PRO A 227 8.46 18.55 -9.42
C PRO A 227 7.96 18.59 -8.00
N ILE A 228 8.33 17.66 -7.13
CA ILE A 228 8.03 17.77 -5.71
C ILE A 228 8.60 19.07 -5.14
N ALA A 229 9.79 19.47 -5.53
CA ALA A 229 10.32 20.71 -5.00
C ALA A 229 9.38 21.87 -5.33
N ASN A 230 8.79 21.88 -6.53
CA ASN A 230 7.93 22.99 -6.99
C ASN A 230 6.69 23.01 -6.15
N ILE A 231 6.16 21.82 -5.86
CA ILE A 231 4.94 21.66 -5.05
C ILE A 231 5.24 22.10 -3.62
N GLN A 232 6.36 21.66 -3.04
CA GLN A 232 6.72 22.09 -1.69
C GLN A 232 6.75 23.63 -1.62
N SER A 233 7.29 24.31 -2.65
CA SER A 233 7.32 25.78 -2.52
C SER A 233 5.96 26.39 -2.67
N ASP A 234 5.16 25.89 -3.60
CA ASP A 234 3.78 26.36 -3.73
C ASP A 234 2.90 26.23 -2.49
N ILE A 235 3.16 25.28 -1.60
CA ILE A 235 2.39 25.13 -0.35
C ILE A 235 3.15 25.81 0.80
N GLY A 236 4.23 26.52 0.48
CA GLY A 236 5.04 27.19 1.50
C GLY A 236 5.70 26.27 2.52
N ALA A 237 6.15 25.11 2.09
CA ALA A 237 6.94 24.25 2.95
C ALA A 237 8.45 24.63 2.87
N SER A 238 9.21 24.30 3.93
CA SER A 238 10.61 24.71 4.13
C SER A 238 11.34 23.63 4.82
N GLU A 239 12.57 23.39 4.40
CA GLU A 239 13.53 22.54 5.13
C GLU A 239 13.92 23.26 6.42
N ASN A 240 13.87 22.54 7.53
CA ASN A 240 14.33 23.08 8.81
C ASN A 240 15.71 22.48 9.11
N SER A 241 16.30 22.90 10.22
CA SER A 241 17.56 22.38 10.76
C SER A 241 17.76 20.88 10.48
N ASP A 242 16.90 20.04 11.07
CA ASP A 242 17.00 18.58 10.96
C ASP A 242 16.29 17.94 9.75
N GLY A 243 16.37 18.64 8.60
CA GLY A 243 15.95 18.11 7.27
C GLY A 243 14.48 18.09 6.87
N ASP A 244 13.58 18.02 7.87
CA ASP A 244 12.10 17.93 7.72
C ASP A 244 11.39 19.07 7.01
N MET A 245 10.31 18.73 6.31
CA MET A 245 9.68 19.67 5.40
C MET A 245 8.47 20.31 6.10
N VAL A 246 8.70 21.44 6.77
CA VAL A 246 7.68 21.96 7.70
C VAL A 246 6.81 23.03 7.08
N VAL A 247 5.56 23.07 7.51
CA VAL A 247 4.71 24.16 7.09
C VAL A 247 4.01 24.66 8.31
N SER A 248 3.74 25.95 8.31
CA SER A 248 3.03 26.56 9.41
C SER A 248 1.58 26.02 9.43
N CYS A 249 1.11 25.64 10.62
CA CYS A 249 -0.23 25.07 10.77
C CYS A 249 -1.39 26.05 10.45
N SER A 250 -1.15 27.37 10.51
CA SER A 250 -2.08 28.39 9.95
C SER A 250 -2.49 28.13 8.52
N ALA A 251 -1.53 27.66 7.73
CA ALA A 251 -1.69 27.34 6.32
C ALA A 251 -2.89 26.43 6.01
N ILE A 252 -3.14 25.44 6.86
CA ILE A 252 -4.23 24.53 6.56
C ILE A 252 -5.56 25.28 6.23
N SER A 253 -5.82 26.44 6.84
CA SER A 253 -7.05 27.20 6.57
C SER A 253 -7.08 27.89 5.25
N SER A 254 -5.94 28.29 4.73
CA SER A 254 -5.96 29.19 3.60
C SER A 254 -5.39 28.66 2.27
N LEU A 255 -4.71 27.49 2.30
CA LEU A 255 -4.15 26.92 1.08
C LEU A 255 -5.27 26.36 0.25
N PRO A 256 -5.21 26.56 -1.07
CA PRO A 256 -6.14 25.88 -2.01
C PRO A 256 -5.91 24.33 -2.04
N ASP A 257 -6.91 23.59 -2.52
CA ASP A 257 -6.79 22.19 -2.82
C ASP A 257 -5.77 21.93 -3.92
N ILE A 258 -5.16 20.76 -3.91
CA ILE A 258 -4.28 20.31 -4.98
C ILE A 258 -5.06 19.22 -5.67
N VAL A 259 -5.21 19.37 -6.99
CA VAL A 259 -6.13 18.55 -7.79
C VAL A 259 -5.33 17.63 -8.72
N PHE A 260 -5.59 16.32 -8.64
CA PHE A 260 -5.05 15.31 -9.53
C PHE A 260 -6.12 14.99 -10.57
N THR A 261 -5.81 15.23 -11.85
CA THR A 261 -6.78 14.95 -12.89
C THR A 261 -6.44 13.57 -13.44
N ILE A 262 -7.40 12.65 -13.39
CA ILE A 262 -7.09 11.29 -13.74
C ILE A 262 -8.19 10.86 -14.68
N ASN A 263 -7.80 10.56 -15.92
CA ASN A 263 -8.76 10.17 -16.95
C ASN A 263 -9.85 11.23 -17.13
N GLY A 264 -9.46 12.50 -17.21
CA GLY A 264 -10.41 13.54 -17.40
C GLY A 264 -11.29 13.87 -16.21
N VAL A 265 -11.12 13.23 -15.06
CA VAL A 265 -11.88 13.56 -13.83
C VAL A 265 -10.94 14.22 -12.83
N GLN A 266 -11.36 15.31 -12.21
CA GLN A 266 -10.54 16.00 -11.18
C GLN A 266 -10.70 15.40 -9.78
N TYR A 267 -9.61 15.10 -9.08
CA TYR A 267 -9.66 14.59 -7.69
C TYR A 267 -8.93 15.54 -6.78
N PRO A 268 -9.67 16.42 -6.10
CA PRO A 268 -9.02 17.36 -5.18
C PRO A 268 -8.54 16.69 -3.89
N VAL A 269 -7.43 17.20 -3.38
CA VAL A 269 -6.83 16.71 -2.16
C VAL A 269 -6.73 17.98 -1.33
N PRO A 270 -7.49 18.05 -0.24
CA PRO A 270 -7.48 19.34 0.50
C PRO A 270 -6.26 19.45 1.42
N PRO A 271 -5.88 20.67 1.84
CA PRO A 271 -4.72 20.82 2.75
C PRO A 271 -4.87 20.03 4.06
N SER A 272 -6.11 19.76 4.50
CA SER A 272 -6.25 18.95 5.73
C SER A 272 -5.80 17.51 5.53
N ALA A 273 -5.63 17.11 4.27
CA ALA A 273 -5.11 15.83 3.85
C ALA A 273 -3.60 15.91 3.54
N TYR A 274 -3.14 16.90 2.77
CA TYR A 274 -1.73 16.81 2.32
C TYR A 274 -0.75 17.55 3.21
N ILE A 275 -1.31 18.18 4.24
CA ILE A 275 -0.55 18.64 5.39
C ILE A 275 -0.88 17.78 6.60
N LEU A 276 0.17 17.21 7.21
CA LEU A 276 0.05 16.30 8.37
C LEU A 276 0.34 17.04 9.67
N GLN A 277 -0.55 16.84 10.62
CA GLN A 277 -0.42 17.46 11.91
C GLN A 277 0.24 16.44 12.83
N SER A 278 1.44 16.74 13.32
CA SER A 278 2.07 16.01 14.43
C SER A 278 1.82 16.77 15.75
N GLU A 279 0.55 17.18 15.93
CA GLU A 279 0.07 18.19 16.92
C GLU A 279 0.93 19.48 17.16
N GLY A 280 2.12 19.32 17.76
CA GLY A 280 3.11 20.40 17.90
C GLY A 280 3.62 21.02 16.59
N SER A 281 3.49 20.26 15.49
CA SER A 281 4.13 20.60 14.22
C SER A 281 3.22 20.20 13.03
N CYS A 282 3.36 20.90 11.92
CA CYS A 282 2.69 20.50 10.67
C CYS A 282 3.74 20.25 9.59
N ILE A 283 3.71 19.05 9.01
CA ILE A 283 4.70 18.71 7.96
C ILE A 283 3.99 18.45 6.62
N SER A 284 4.70 18.64 5.53
CA SER A 284 4.17 18.35 4.22
C SER A 284 3.94 16.85 4.03
N GLY A 285 2.81 16.45 3.41
CA GLY A 285 2.56 15.04 3.07
C GLY A 285 3.11 14.62 1.70
N PHE A 286 3.94 15.47 1.09
CA PHE A 286 4.53 15.23 -0.21
C PHE A 286 5.98 14.89 0.05
N GLN A 287 6.49 13.88 -0.61
CA GLN A 287 7.87 13.56 -0.45
C GLN A 287 8.54 13.31 -1.79
N GLY A 288 9.75 13.86 -1.91
CA GLY A 288 10.59 13.64 -3.08
C GLY A 288 11.25 12.31 -3.09
N MET A 289 11.18 11.60 -4.21
CA MET A 289 11.87 10.33 -4.39
C MET A 289 11.87 9.93 -5.86
N ASN A 290 13.05 9.88 -6.46
CA ASN A 290 13.20 9.36 -7.82
C ASN A 290 13.18 7.82 -7.87
N LEU A 291 12.13 7.26 -8.51
CA LEU A 291 12.00 5.81 -8.79
C LEU A 291 12.16 5.63 -10.29
N PRO A 292 13.34 5.15 -10.74
CA PRO A 292 13.49 4.93 -12.16
C PRO A 292 12.89 3.58 -12.54
N THR A 293 11.89 3.61 -13.42
CA THR A 293 11.44 2.41 -14.15
C THR A 293 11.57 2.67 -15.65
N GLU A 294 11.20 1.67 -16.46
CA GLU A 294 11.12 1.84 -17.90
C GLU A 294 10.15 2.98 -18.22
N SER A 295 9.06 3.05 -17.44
CA SER A 295 8.06 4.14 -17.48
C SER A 295 8.64 5.55 -17.23
N GLY A 296 9.89 5.59 -16.76
CA GLY A 296 10.58 6.82 -16.39
C GLY A 296 10.44 7.13 -14.90
N GLU A 297 9.79 8.26 -14.61
CA GLU A 297 9.64 8.76 -13.25
C GLU A 297 8.23 8.44 -12.73
N LEU A 298 8.13 7.69 -11.64
CA LEU A 298 6.85 7.31 -11.14
C LEU A 298 6.37 8.22 -9.98
N TRP A 299 5.09 8.58 -9.99
CA TRP A 299 4.49 9.13 -8.80
C TRP A 299 3.88 8.02 -7.99
N ILE A 300 3.79 8.20 -6.66
CA ILE A 300 3.09 7.25 -5.82
C ILE A 300 1.91 7.89 -5.12
N LEU A 301 0.69 7.46 -5.44
CA LEU A 301 -0.47 7.94 -4.70
C LEU A 301 -0.53 7.02 -3.50
N GLY A 302 -0.04 7.48 -2.34
CA GLY A 302 0.01 6.66 -1.14
C GLY A 302 -1.15 6.92 -0.19
N ASP A 303 -0.98 6.59 1.10
CA ASP A 303 -2.08 6.67 2.05
C ASP A 303 -2.72 8.08 2.10
N VAL A 304 -1.94 9.14 1.94
CA VAL A 304 -2.49 10.50 1.89
C VAL A 304 -3.63 10.59 0.88
N PHE A 305 -3.44 10.00 -0.30
CA PHE A 305 -4.41 10.09 -1.35
C PHE A 305 -5.54 9.11 -1.08
N ILE A 306 -5.19 7.84 -0.83
CA ILE A 306 -6.17 6.78 -0.62
C ILE A 306 -7.19 7.07 0.48
N ARG A 307 -6.78 7.67 1.60
CA ARG A 307 -7.76 8.17 2.60
C ARG A 307 -8.90 9.07 2.07
N GLN A 308 -8.67 9.81 0.98
CA GLN A 308 -9.70 10.71 0.50
C GLN A 308 -10.62 10.02 -0.48
N TYR A 309 -10.13 8.95 -1.10
CA TYR A 309 -10.83 8.21 -2.16
C TYR A 309 -10.88 6.69 -1.92
N PHE A 310 -12.05 6.14 -1.58
CA PHE A 310 -12.30 4.72 -1.60
C PHE A 310 -11.80 4.20 -2.95
N THR A 311 -10.98 3.15 -2.93
CA THR A 311 -10.32 2.63 -4.12
C THR A 311 -10.69 1.18 -4.34
N VAL A 312 -11.14 0.86 -5.56
CA VAL A 312 -11.47 -0.50 -6.00
C VAL A 312 -10.39 -1.03 -6.95
N PHE A 313 -9.87 -2.23 -6.70
CA PHE A 313 -8.77 -2.77 -7.52
C PHE A 313 -9.36 -3.93 -8.29
N ASP A 314 -9.64 -3.70 -9.57
CA ASP A 314 -10.46 -4.61 -10.37
C ASP A 314 -9.57 -5.44 -11.31
N ARG A 315 -9.33 -6.68 -10.92
CA ARG A 315 -8.44 -7.59 -11.70
C ARG A 315 -9.13 -8.18 -12.94
N ALA A 316 -10.45 -8.29 -12.94
CA ALA A 316 -11.21 -8.73 -14.12
C ALA A 316 -10.97 -7.80 -15.29
N ASN A 317 -11.16 -6.50 -15.07
CA ASN A 317 -11.09 -5.54 -16.17
C ASN A 317 -9.87 -4.69 -16.16
N ASN A 318 -8.90 -5.00 -15.31
CA ASN A 318 -7.65 -4.19 -15.17
C ASN A 318 -7.85 -2.71 -15.02
N GLN A 319 -8.60 -2.33 -14.02
CA GLN A 319 -8.88 -0.93 -13.85
C GLN A 319 -8.91 -0.63 -12.37
N VAL A 320 -8.79 0.63 -12.03
CA VAL A 320 -8.91 1.13 -10.66
C VAL A 320 -10.19 2.00 -10.58
N GLY A 321 -11.01 1.78 -9.55
CA GLY A 321 -12.20 2.63 -9.34
C GLY A 321 -12.01 3.61 -8.19
N LEU A 322 -12.38 4.87 -8.39
CA LEU A 322 -12.30 5.90 -7.33
C LEU A 322 -13.61 6.69 -7.09
N ALA A 323 -13.87 6.97 -5.82
CA ALA A 323 -14.95 7.83 -5.39
C ALA A 323 -14.61 8.36 -3.96
N PRO A 324 -15.10 9.59 -3.66
CA PRO A 324 -14.85 10.24 -2.37
C PRO A 324 -15.32 9.39 -1.18
N VAL A 325 -14.51 9.28 -0.13
CA VAL A 325 -14.93 8.48 1.03
C VAL A 325 -16.14 9.17 1.64
N ALA A 326 -17.00 8.37 2.26
CA ALA A 326 -18.24 8.86 2.91
C ALA A 326 -17.91 9.43 4.28
#